data_8PRS
#
_entry.id   8PRS
#
_cell.length_a   55.662
_cell.length_b   59.081
_cell.length_c   59.071
_cell.angle_alpha   75.52
_cell.angle_beta   71.20
_cell.angle_gamma   71.17
#
_symmetry.space_group_name_H-M   'P 1'
#
loop_
_entity.id
_entity.type
_entity.pdbx_description
1 polymer nvBagel4
2 water water
#
_entity_poly.entity_id   1
_entity_poly.type   'polypeptide(L)'
_entity_poly.pdbx_seq_one_letter_code
;GSHMTGGSVHSSPAIGQDGTIYVGSNDHYLYAINPNGKLKWKFETGGSVHSSPAIGQDGTIYVGSNDHYLYAINPNGKLK
WKFETGGSVHSSPAIGQDGTIYVGSNDHYLYAINPNGKLKWKFETGGSVHSSPAIGQDGTIYVGSNDHYLYAINPNGKLK
WKFE
;
_entity_poly.pdbx_strand_id   A,B,C,D
#
# COMPACT_ATOMS: atom_id res chain seq x y z
N THR A 5 -4.48 -3.66 19.34
CA THR A 5 -4.69 -4.93 18.71
C THR A 5 -3.32 -5.55 18.52
N GLY A 6 -3.25 -6.68 17.83
CA GLY A 6 -1.95 -7.27 17.59
C GLY A 6 -1.22 -6.73 16.39
N GLY A 7 -1.77 -5.73 15.71
CA GLY A 7 -1.13 -5.26 14.49
C GLY A 7 -1.73 -3.93 14.06
N SER A 8 -1.20 -3.39 12.95
CA SER A 8 -1.61 -2.08 12.46
C SER A 8 -3.11 -2.03 12.23
N VAL A 9 -3.73 -0.91 12.62
CA VAL A 9 -5.18 -0.72 12.44
C VAL A 9 -5.34 0.27 11.30
N HIS A 10 -5.36 -0.24 10.07
CA HIS A 10 -5.62 0.58 8.90
C HIS A 10 -7.11 0.67 8.57
N SER A 11 -7.86 -0.36 8.95
CA SER A 11 -9.31 -0.36 8.85
C SER A 11 -9.89 0.84 9.55
N SER A 12 -11.03 1.37 9.02
CA SER A 12 -11.70 2.53 9.59
C SER A 12 -12.88 2.07 10.44
N PRO A 13 -13.03 2.54 11.67
CA PRO A 13 -14.06 1.97 12.55
C PRO A 13 -15.48 2.32 12.09
N ALA A 14 -16.41 1.46 12.49
CA ALA A 14 -17.83 1.71 12.33
C ALA A 14 -18.49 1.57 13.69
N ILE A 15 -19.59 2.30 13.91
CA ILE A 15 -20.23 2.34 15.22
C ILE A 15 -21.65 1.79 15.13
N GLY A 16 -21.96 0.81 15.98
CA GLY A 16 -23.27 0.21 16.00
C GLY A 16 -24.27 1.02 16.79
N GLN A 17 -25.55 0.61 16.71
CA GLN A 17 -26.61 1.36 17.38
C GLN A 17 -26.39 1.45 18.88
N ASP A 18 -25.85 0.39 19.49
CA ASP A 18 -25.61 0.41 20.93
C ASP A 18 -24.24 0.98 21.29
N GLY A 19 -23.55 1.60 20.33
CA GLY A 19 -22.27 2.22 20.60
C GLY A 19 -21.05 1.33 20.41
N THR A 20 -21.25 0.03 20.16
CA THR A 20 -20.12 -0.84 19.89
C THR A 20 -19.32 -0.33 18.71
N ILE A 21 -17.99 -0.35 18.84
CA ILE A 21 -17.10 0.10 17.78
C ILE A 21 -16.45 -1.12 17.14
N TYR A 22 -16.58 -1.23 15.82
CA TYR A 22 -16.03 -2.35 15.08
C TYR A 22 -14.88 -1.86 14.22
N VAL A 23 -13.78 -2.61 14.18
CA VAL A 23 -12.66 -2.23 13.32
C VAL A 23 -11.84 -3.46 13.02
N GLY A 24 -11.29 -3.53 11.81
CA GLY A 24 -10.38 -4.60 11.48
C GLY A 24 -8.94 -4.26 11.86
N SER A 25 -8.11 -5.29 11.92
CA SER A 25 -6.71 -5.11 12.25
C SER A 25 -5.86 -5.96 11.32
N ASN A 26 -4.61 -5.52 11.12
CA ASN A 26 -3.60 -6.29 10.39
C ASN A 26 -3.35 -7.65 11.03
N ASP A 27 -3.75 -7.83 12.30
CA ASP A 27 -3.52 -9.10 12.97
C ASP A 27 -4.54 -10.18 12.60
N HIS A 28 -5.42 -9.89 11.64
CA HIS A 28 -6.39 -10.77 10.97
C HIS A 28 -7.77 -10.75 11.65
N TYR A 29 -7.95 -10.00 12.72
CA TYR A 29 -9.22 -10.03 13.45
C TYR A 29 -10.08 -8.83 13.10
N LEU A 30 -11.40 -9.07 13.10
CA LEU A 30 -12.37 -7.99 13.24
C LEU A 30 -12.67 -7.82 14.73
N TYR A 31 -12.46 -6.62 15.25
CA TYR A 31 -12.67 -6.34 16.67
C TYR A 31 -14.02 -5.67 16.90
N ALA A 32 -14.68 -6.06 18.00
CA ALA A 32 -15.85 -5.37 18.52
C ALA A 32 -15.47 -4.86 19.90
N ILE A 33 -15.42 -3.54 20.06
CA ILE A 33 -14.99 -2.89 21.30
C ILE A 33 -16.18 -2.18 21.93
N ASN A 34 -16.37 -2.40 23.23
CA ASN A 34 -17.41 -1.67 23.94
C ASN A 34 -17.05 -0.20 24.06
N PRO A 35 -18.05 0.67 24.25
CA PRO A 35 -17.77 2.11 24.37
C PRO A 35 -16.83 2.46 25.50
N ASN A 36 -16.68 1.58 26.50
CA ASN A 36 -15.75 1.81 27.60
C ASN A 36 -14.33 1.36 27.28
N GLY A 37 -14.06 0.95 26.04
CA GLY A 37 -12.72 0.55 25.65
C GLY A 37 -12.33 -0.87 25.96
N LYS A 38 -13.25 -1.70 26.46
CA LYS A 38 -12.92 -3.09 26.72
C LYS A 38 -13.46 -3.97 25.61
N LEU A 39 -12.74 -5.06 25.36
CA LEU A 39 -13.11 -6.00 24.29
C LEU A 39 -14.51 -6.56 24.50
N LYS A 40 -15.33 -6.51 23.45
CA LYS A 40 -16.57 -7.28 23.43
C LYS A 40 -16.32 -8.66 22.83
N TRP A 41 -15.73 -8.71 21.63
CA TRP A 41 -15.27 -9.96 21.02
C TRP A 41 -14.33 -9.62 19.86
N LYS A 42 -13.62 -10.64 19.38
CA LYS A 42 -12.78 -10.51 18.20
C LYS A 42 -13.03 -11.72 17.32
N PHE A 43 -13.18 -11.51 16.02
CA PHE A 43 -13.48 -12.58 15.08
C PHE A 43 -12.28 -12.79 14.17
N GLU A 44 -11.74 -14.00 14.16
CA GLU A 44 -10.53 -14.28 13.38
C GLU A 44 -10.89 -14.61 11.94
N THR A 45 -10.36 -13.81 11.01
CA THR A 45 -10.37 -14.17 9.60
C THR A 45 -9.02 -14.80 9.24
N GLY A 46 -8.88 -15.16 7.97
CA GLY A 46 -7.66 -15.80 7.55
C GLY A 46 -6.55 -14.86 7.14
N GLY A 47 -6.77 -13.56 7.22
CA GLY A 47 -5.78 -12.61 6.76
C GLY A 47 -6.09 -11.21 7.28
N SER A 48 -5.22 -10.27 6.91
CA SER A 48 -5.34 -8.90 7.39
C SER A 48 -6.71 -8.31 7.06
N VAL A 49 -7.29 -7.58 8.01
CA VAL A 49 -8.57 -6.93 7.78
C VAL A 49 -8.32 -5.45 7.57
N HIS A 50 -8.05 -5.07 6.32
CA HIS A 50 -7.84 -3.66 5.96
C HIS A 50 -9.16 -3.00 5.59
N SER A 51 -10.09 -3.78 5.05
CA SER A 51 -11.43 -3.34 4.76
C SER A 51 -12.09 -2.74 6.01
N SER A 52 -12.96 -1.71 5.79
CA SER A 52 -13.65 -1.02 6.88
C SER A 52 -15.06 -1.57 7.02
N PRO A 53 -15.51 -1.94 8.22
CA PRO A 53 -16.80 -2.63 8.33
C PRO A 53 -17.98 -1.72 8.03
N ALA A 54 -19.06 -2.36 7.57
CA ALA A 54 -20.36 -1.70 7.44
C ALA A 54 -21.37 -2.48 8.26
N ILE A 55 -22.38 -1.78 8.78
CA ILE A 55 -23.36 -2.37 9.68
C ILE A 55 -24.74 -2.32 9.03
N GLY A 56 -25.39 -3.49 8.93
CA GLY A 56 -26.72 -3.56 8.35
C GLY A 56 -27.81 -3.14 9.32
N GLN A 57 -29.03 -3.02 8.80
CA GLN A 57 -30.15 -2.58 9.66
C GLN A 57 -30.38 -3.53 10.82
N ASP A 58 -30.14 -4.83 10.63
CA ASP A 58 -30.37 -5.80 11.69
C ASP A 58 -29.14 -6.00 12.57
N GLY A 59 -28.09 -5.22 12.37
CA GLY A 59 -26.90 -5.27 13.20
C GLY A 59 -25.77 -6.11 12.64
N THR A 60 -26.03 -6.84 11.56
CA THR A 60 -24.98 -7.64 10.93
C THR A 60 -23.82 -6.73 10.54
N ILE A 61 -22.60 -7.20 10.79
CA ILE A 61 -21.39 -6.44 10.49
C ILE A 61 -20.71 -7.10 9.28
N TYR A 62 -20.49 -6.33 8.22
CA TYR A 62 -19.87 -6.84 7.00
C TYR A 62 -18.48 -6.25 6.85
N VAL A 63 -17.51 -7.08 6.49
CA VAL A 63 -16.14 -6.59 6.27
C VAL A 63 -15.42 -7.54 5.34
N GLY A 64 -14.52 -6.98 4.52
CA GLY A 64 -13.65 -7.78 3.68
C GLY A 64 -12.36 -8.17 4.42
N SER A 65 -11.71 -9.20 3.89
CA SER A 65 -10.44 -9.66 4.43
C SER A 65 -9.46 -9.94 3.29
N ASN A 66 -8.17 -9.78 3.62
CA ASN A 66 -7.09 -10.16 2.72
C ASN A 66 -7.14 -11.63 2.36
N ASP A 67 -7.91 -12.44 3.10
CA ASP A 67 -8.03 -13.86 2.80
C ASP A 67 -9.01 -14.15 1.66
N HIS A 68 -9.51 -13.10 0.99
CA HIS A 68 -10.35 -13.10 -0.22
C HIS A 68 -11.84 -13.16 0.09
N TYR A 69 -12.26 -13.26 1.35
CA TYR A 69 -13.67 -13.38 1.69
C TYR A 69 -14.30 -12.05 2.08
N LEU A 70 -15.58 -11.90 1.76
CA LEU A 70 -16.45 -10.93 2.42
C LEU A 70 -17.15 -11.62 3.58
N TYR A 71 -16.97 -11.08 4.78
CA TYR A 71 -17.54 -11.66 5.99
C TYR A 71 -18.82 -10.94 6.40
N ALA A 72 -19.81 -11.73 6.82
CA ALA A 72 -21.02 -11.23 7.48
C ALA A 72 -21.05 -11.82 8.87
N ILE A 73 -20.96 -10.96 9.89
CA ILE A 73 -20.81 -11.39 11.27
C ILE A 73 -22.00 -10.91 12.08
N ASN A 74 -22.58 -11.81 12.87
CA ASN A 74 -23.67 -11.44 13.75
C ASN A 74 -23.16 -10.54 14.88
N PRO A 75 -24.05 -9.75 15.49
CA PRO A 75 -23.63 -8.90 16.61
C PRO A 75 -23.00 -9.65 17.76
N ASN A 76 -23.21 -10.96 17.88
CA ASN A 76 -22.59 -11.73 18.95
C ASN A 76 -21.21 -12.26 18.59
N GLY A 77 -20.70 -11.93 17.41
CA GLY A 77 -19.37 -12.35 17.02
C GLY A 77 -19.28 -13.71 16.39
N LYS A 78 -20.43 -14.33 16.10
CA LYS A 78 -20.46 -15.59 15.38
C LYS A 78 -20.74 -15.32 13.91
N LEU A 79 -20.12 -16.13 13.05
CA LEU A 79 -20.28 -15.98 11.61
C LEU A 79 -21.74 -16.15 11.19
N LYS A 80 -22.21 -15.22 10.35
CA LYS A 80 -23.47 -15.43 9.64
C LYS A 80 -23.20 -16.14 8.31
N TRP A 81 -22.33 -15.56 7.48
CA TRP A 81 -21.79 -16.27 6.31
C TRP A 81 -20.53 -15.56 5.85
N LYS A 82 -19.78 -16.26 5.01
CA LYS A 82 -18.68 -15.63 4.29
C LYS A 82 -18.79 -15.97 2.81
N PHE A 83 -18.44 -15.00 1.97
CA PHE A 83 -18.53 -15.15 0.53
C PHE A 83 -17.14 -15.03 -0.08
N GLU A 84 -16.72 -16.05 -0.83
CA GLU A 84 -15.37 -16.08 -1.38
C GLU A 84 -15.32 -15.37 -2.73
N THR A 85 -14.46 -14.34 -2.82
CA THR A 85 -14.11 -13.72 -4.09
C THR A 85 -12.78 -14.29 -4.58
N GLY A 86 -12.34 -13.81 -5.74
CA GLY A 86 -11.11 -14.31 -6.31
C GLY A 86 -9.83 -13.69 -5.78
N GLY A 87 -9.92 -12.74 -4.86
CA GLY A 87 -8.75 -12.00 -4.43
C GLY A 87 -9.05 -11.20 -3.18
N SER A 88 -8.01 -10.53 -2.69
CA SER A 88 -8.14 -9.79 -1.42
C SER A 88 -9.28 -8.78 -1.50
N VAL A 89 -10.03 -8.68 -0.41
CA VAL A 89 -11.13 -7.72 -0.34
C VAL A 89 -10.68 -6.59 0.57
N HIS A 90 -10.06 -5.58 -0.03
CA HIS A 90 -9.63 -4.42 0.71
C HIS A 90 -10.65 -3.30 0.64
N SER A 91 -11.46 -3.29 -0.42
CA SER A 91 -12.59 -2.39 -0.55
C SER A 91 -13.52 -2.57 0.65
N SER A 92 -14.18 -1.45 1.07
CA SER A 92 -15.08 -1.50 2.23
C SER A 92 -16.52 -1.62 1.76
N PRO A 93 -17.33 -2.50 2.32
CA PRO A 93 -18.68 -2.71 1.79
C PRO A 93 -19.61 -1.53 2.02
N ALA A 94 -20.58 -1.41 1.11
CA ALA A 94 -21.70 -0.50 1.24
C ALA A 94 -22.98 -1.33 1.18
N ILE A 95 -24.01 -0.86 1.87
CA ILE A 95 -25.26 -1.61 2.01
C ILE A 95 -26.39 -0.82 1.37
N GLY A 96 -27.09 -1.45 0.43
CA GLY A 96 -28.21 -0.81 -0.24
C GLY A 96 -29.47 -0.84 0.60
N GLN A 97 -30.52 -0.17 0.09
CA GLN A 97 -31.73 -0.03 0.88
C GLN A 97 -32.46 -1.37 1.04
N ASP A 98 -32.31 -2.28 0.08
CA ASP A 98 -32.88 -3.62 0.22
C ASP A 98 -31.92 -4.60 0.89
N GLY A 99 -30.81 -4.10 1.44
CA GLY A 99 -29.89 -4.95 2.15
C GLY A 99 -28.77 -5.53 1.32
N THR A 100 -28.79 -5.34 0.00
CA THR A 100 -27.69 -5.82 -0.84
C THR A 100 -26.38 -5.24 -0.36
N ILE A 101 -25.33 -6.06 -0.34
CA ILE A 101 -24.01 -5.62 0.08
C ILE A 101 -23.12 -5.52 -1.14
N TYR A 102 -22.49 -4.36 -1.34
CA TYR A 102 -21.64 -4.13 -2.49
C TYR A 102 -20.19 -3.97 -2.02
N VAL A 103 -19.25 -4.63 -2.70
CA VAL A 103 -17.85 -4.51 -2.32
C VAL A 103 -16.98 -4.83 -3.52
N GLY A 104 -15.84 -4.14 -3.63
CA GLY A 104 -14.87 -4.46 -4.64
C GLY A 104 -13.90 -5.54 -4.19
N SER A 105 -13.23 -6.16 -5.15
CA SER A 105 -12.22 -7.17 -4.90
C SER A 105 -10.97 -6.90 -5.73
N ASN A 106 -9.83 -7.37 -5.21
CA ASN A 106 -8.57 -7.41 -5.95
C ASN A 106 -8.68 -8.21 -7.23
N ASP A 107 -9.68 -9.07 -7.36
CA ASP A 107 -9.87 -9.87 -8.56
C ASP A 107 -10.50 -9.07 -9.71
N HIS A 108 -10.70 -7.76 -9.55
CA HIS A 108 -11.15 -6.77 -10.54
C HIS A 108 -12.67 -6.60 -10.59
N TYR A 109 -13.44 -7.37 -9.82
CA TYR A 109 -14.90 -7.29 -9.87
C TYR A 109 -15.46 -6.39 -8.78
N LEU A 110 -16.58 -5.74 -9.09
CA LEU A 110 -17.48 -5.20 -8.08
C LEU A 110 -18.56 -6.24 -7.81
N TYR A 111 -18.72 -6.64 -6.56
CA TYR A 111 -19.69 -7.66 -6.17
C TYR A 111 -20.94 -7.05 -5.56
N ALA A 112 -22.08 -7.61 -5.93
CA ALA A 112 -23.35 -7.34 -5.26
C ALA A 112 -23.80 -8.67 -4.66
N ILE A 113 -23.90 -8.72 -3.34
CA ILE A 113 -24.21 -9.95 -2.62
C ILE A 113 -25.55 -9.77 -1.90
N ASN A 114 -26.42 -10.76 -2.04
CA ASN A 114 -27.71 -10.69 -1.35
C ASN A 114 -27.50 -10.81 0.15
N PRO A 115 -28.45 -10.29 0.97
CA PRO A 115 -28.32 -10.44 2.43
C PRO A 115 -28.14 -11.88 2.88
N ASN A 116 -28.58 -12.85 2.08
CA ASN A 116 -28.41 -14.25 2.44
C ASN A 116 -27.04 -14.81 2.08
N GLY A 117 -26.14 -13.99 1.53
CA GLY A 117 -24.80 -14.45 1.24
C GLY A 117 -24.62 -15.09 -0.11
N LYS A 118 -25.65 -15.09 -0.94
CA LYS A 118 -25.54 -15.58 -2.31
C LYS A 118 -25.29 -14.41 -3.26
N LEU A 119 -24.50 -14.68 -4.28
CA LEU A 119 -24.20 -13.68 -5.29
C LEU A 119 -25.48 -13.18 -5.96
N LYS A 120 -25.63 -11.86 -6.05
CA LYS A 120 -26.65 -11.28 -6.91
C LYS A 120 -26.07 -11.04 -8.30
N TRP A 121 -25.00 -10.26 -8.39
CA TRP A 121 -24.24 -10.14 -9.62
C TRP A 121 -22.83 -9.66 -9.31
N LYS A 122 -21.96 -9.76 -10.31
CA LYS A 122 -20.60 -9.25 -10.24
C LYS A 122 -20.30 -8.55 -11.55
N PHE A 123 -19.66 -7.38 -11.45
CA PHE A 123 -19.34 -6.56 -12.61
C PHE A 123 -17.82 -6.46 -12.76
N GLU A 124 -17.31 -6.84 -13.93
CA GLU A 124 -15.87 -6.88 -14.18
C GLU A 124 -15.35 -5.51 -14.63
N THR A 125 -14.41 -4.95 -13.85
CA THR A 125 -13.63 -3.80 -14.30
C THR A 125 -12.30 -4.31 -14.85
N GLY A 126 -11.45 -3.37 -15.27
CA GLY A 126 -10.19 -3.75 -15.86
C GLY A 126 -9.05 -3.93 -14.89
N GLY A 127 -9.29 -3.74 -13.59
CA GLY A 127 -8.23 -3.80 -12.61
C GLY A 127 -8.78 -3.94 -11.20
N SER A 128 -7.87 -4.08 -10.24
CA SER A 128 -8.25 -4.24 -8.84
C SER A 128 -9.23 -3.16 -8.40
N VAL A 129 -10.25 -3.55 -7.65
CA VAL A 129 -11.21 -2.59 -7.13
C VAL A 129 -10.93 -2.40 -5.64
N HIS A 130 -10.01 -1.48 -5.30
CA HIS A 130 -9.72 -1.13 -3.92
C HIS A 130 -10.64 -0.05 -3.38
N SER A 131 -11.13 0.81 -4.27
CA SER A 131 -12.11 1.85 -3.94
C SER A 131 -13.33 1.23 -3.29
N SER A 132 -13.93 1.96 -2.36
CA SER A 132 -15.14 1.48 -1.67
C SER A 132 -16.38 2.06 -2.33
N PRO A 133 -17.39 1.26 -2.64
CA PRO A 133 -18.55 1.78 -3.38
C PRO A 133 -19.38 2.79 -2.58
N ALA A 134 -19.99 3.72 -3.32
CA ALA A 134 -21.02 4.60 -2.79
C ALA A 134 -22.31 4.34 -3.54
N ILE A 135 -23.43 4.49 -2.84
CA ILE A 135 -24.75 4.22 -3.42
C ILE A 135 -25.54 5.51 -3.48
N GLY A 136 -25.99 5.87 -4.70
CA GLY A 136 -26.77 7.06 -4.89
C GLY A 136 -28.21 6.88 -4.43
N GLN A 137 -28.94 8.01 -4.40
CA GLN A 137 -30.32 7.95 -3.95
C GLN A 137 -31.17 7.04 -4.84
N ASP A 138 -30.86 6.98 -6.13
CA ASP A 138 -31.58 6.11 -7.03
C ASP A 138 -31.04 4.68 -7.05
N GLY A 139 -30.04 4.36 -6.24
CA GLY A 139 -29.49 3.01 -6.22
C GLY A 139 -28.26 2.80 -7.08
N THR A 140 -27.86 3.80 -7.87
CA THR A 140 -26.64 3.67 -8.66
C THR A 140 -25.46 3.41 -7.72
N ILE A 141 -24.57 2.52 -8.13
CA ILE A 141 -23.38 2.19 -7.35
C ILE A 141 -22.17 2.79 -8.06
N TYR A 142 -21.40 3.62 -7.35
CA TYR A 142 -20.23 4.25 -7.92
C TYR A 142 -19.00 3.67 -7.25
N VAL A 143 -17.98 3.35 -8.03
CA VAL A 143 -16.75 2.82 -7.44
C VAL A 143 -15.59 3.07 -8.40
N GLY A 144 -14.41 3.36 -7.83
CA GLY A 144 -13.23 3.49 -8.63
C GLY A 144 -12.54 2.16 -8.88
N SER A 145 -11.71 2.12 -9.91
CA SER A 145 -10.92 0.96 -10.24
C SER A 145 -9.47 1.34 -10.45
N ASN A 146 -8.57 0.39 -10.19
CA ASN A 146 -7.16 0.54 -10.55
C ASN A 146 -6.97 0.77 -12.04
N ASP A 147 -7.98 0.45 -12.86
CA ASP A 147 -7.89 0.66 -14.30
C ASP A 147 -8.09 2.12 -14.72
N HIS A 148 -8.18 3.05 -13.76
CA HIS A 148 -8.22 4.51 -13.89
C HIS A 148 -9.64 5.06 -14.02
N TYR A 149 -10.66 4.22 -14.09
CA TYR A 149 -12.02 4.69 -14.31
C TYR A 149 -12.78 4.79 -12.99
N LEU A 150 -13.67 5.77 -12.93
CA LEU A 150 -14.78 5.77 -11.99
C LEU A 150 -15.98 5.13 -12.69
N TYR A 151 -16.53 4.07 -12.08
CA TYR A 151 -17.66 3.34 -12.63
C TYR A 151 -18.97 3.77 -11.98
N ALA A 152 -20.02 3.87 -12.81
CA ALA A 152 -21.40 3.99 -12.34
C ALA A 152 -22.12 2.75 -12.83
N ILE A 153 -22.62 1.95 -11.89
CA ILE A 153 -23.25 0.68 -12.20
C ILE A 153 -24.70 0.73 -11.73
N ASN A 154 -25.62 0.30 -12.60
CA ASN A 154 -27.03 0.34 -12.24
C ASN A 154 -27.36 -0.78 -11.26
N PRO A 155 -28.50 -0.68 -10.56
CA PRO A 155 -28.85 -1.72 -9.58
C PRO A 155 -28.91 -3.12 -10.16
N ASN A 156 -29.13 -3.27 -11.46
CA ASN A 156 -29.20 -4.58 -12.08
C ASN A 156 -27.84 -5.09 -12.52
N GLY A 157 -26.76 -4.36 -12.22
CA GLY A 157 -25.43 -4.82 -12.52
C GLY A 157 -24.90 -4.47 -13.89
N LYS A 158 -25.60 -3.64 -14.65
CA LYS A 158 -25.14 -3.23 -15.97
C LYS A 158 -24.49 -1.86 -15.89
N LEU A 159 -23.51 -1.65 -16.76
CA LEU A 159 -22.80 -0.38 -16.78
C LEU A 159 -23.76 0.76 -17.11
N LYS A 160 -23.76 1.79 -16.26
CA LYS A 160 -24.40 3.06 -16.62
C LYS A 160 -23.44 3.94 -17.39
N TRP A 161 -22.24 4.15 -16.84
CA TRP A 161 -21.16 4.83 -17.55
C TRP A 161 -19.87 4.62 -16.80
N LYS A 162 -18.75 4.88 -17.48
CA LYS A 162 -17.43 4.88 -16.86
C LYS A 162 -16.72 6.18 -17.23
N PHE A 163 -16.12 6.82 -16.23
CA PHE A 163 -15.45 8.09 -16.44
C PHE A 163 -13.96 7.85 -16.38
N GLU A 164 -13.30 8.09 -17.51
CA GLU A 164 -11.88 8.18 -17.53
C GLU A 164 -11.83 9.66 -17.22
N THR B 5 -10.11 8.80 -15.35
CA THR B 5 -9.18 9.76 -14.82
C THR B 5 -7.83 9.44 -15.40
N GLY B 6 -6.81 10.19 -15.00
CA GLY B 6 -5.48 9.92 -15.50
C GLY B 6 -4.72 8.85 -14.77
N GLY B 7 -5.34 8.21 -13.77
CA GLY B 7 -4.61 7.25 -12.96
C GLY B 7 -5.55 6.42 -12.11
N SER B 8 -4.95 5.50 -11.35
CA SER B 8 -5.74 4.57 -10.53
C SER B 8 -6.67 5.32 -9.59
N VAL B 9 -7.91 4.83 -9.46
CA VAL B 9 -8.87 5.48 -8.58
C VAL B 9 -9.03 4.62 -7.34
N HIS B 10 -8.22 4.90 -6.32
CA HIS B 10 -8.31 4.18 -5.06
C HIS B 10 -9.23 4.88 -4.08
N SER B 11 -9.36 6.19 -4.21
CA SER B 11 -10.27 6.98 -3.40
C SER B 11 -11.70 6.45 -3.55
N SER B 12 -12.47 6.54 -2.46
CA SER B 12 -13.86 6.08 -2.51
C SER B 12 -14.79 7.24 -2.77
N PRO B 13 -15.75 7.13 -3.70
CA PRO B 13 -16.54 8.31 -4.06
C PRO B 13 -17.52 8.75 -2.97
N ALA B 14 -17.85 10.03 -3.01
CA ALA B 14 -18.91 10.61 -2.17
C ALA B 14 -19.91 11.30 -3.08
N ILE B 15 -21.17 11.32 -2.66
CA ILE B 15 -22.26 11.86 -3.48
C ILE B 15 -22.84 13.09 -2.81
N GLY B 16 -22.90 14.18 -3.55
CA GLY B 16 -23.47 15.41 -3.05
C GLY B 16 -24.99 15.43 -3.17
N GLN B 17 -25.59 16.48 -2.60
CA GLN B 17 -27.04 16.57 -2.54
C GLN B 17 -27.66 16.63 -3.93
N ASP B 18 -26.98 17.27 -4.87
CA ASP B 18 -27.52 17.37 -6.23
C ASP B 18 -27.11 16.19 -7.10
N GLY B 19 -26.45 15.18 -6.53
CA GLY B 19 -26.06 14.00 -7.28
C GLY B 19 -24.64 14.01 -7.80
N THR B 20 -23.93 15.13 -7.71
CA THR B 20 -22.53 15.17 -8.11
C THR B 20 -21.75 14.10 -7.37
N ILE B 21 -20.85 13.42 -8.09
CA ILE B 21 -20.01 12.37 -7.52
C ILE B 21 -18.59 12.90 -7.44
N TYR B 22 -18.01 12.85 -6.24
CA TYR B 22 -16.67 13.34 -6.00
C TYR B 22 -15.75 12.16 -5.72
N VAL B 23 -14.55 12.17 -6.31
CA VAL B 23 -13.60 11.10 -6.04
C VAL B 23 -12.20 11.61 -6.35
N GLY B 24 -11.22 11.15 -5.57
CA GLY B 24 -9.83 11.43 -5.89
C GLY B 24 -9.24 10.41 -6.86
N SER B 25 -8.14 10.80 -7.48
CA SER B 25 -7.42 9.93 -8.40
C SER B 25 -5.92 9.98 -8.10
N ASN B 26 -5.23 8.89 -8.41
CA ASN B 26 -3.78 8.85 -8.36
C ASN B 26 -3.14 9.88 -9.30
N ASP B 27 -3.92 10.48 -10.21
CA ASP B 27 -3.39 11.51 -11.09
C ASP B 27 -3.29 12.90 -10.45
N HIS B 28 -3.57 13.00 -9.15
CA HIS B 28 -3.43 14.17 -8.25
C HIS B 28 -4.69 15.03 -8.22
N TYR B 29 -5.72 14.73 -8.99
CA TYR B 29 -6.92 15.55 -9.01
C TYR B 29 -8.00 15.00 -8.09
N LEU B 30 -8.79 15.92 -7.53
CA LEU B 30 -10.11 15.61 -7.01
C LEU B 30 -11.11 15.90 -8.12
N TYR B 31 -11.89 14.89 -8.49
CA TYR B 31 -12.88 14.99 -9.56
C TYR B 31 -14.26 15.25 -9.01
N ALA B 32 -15.01 16.10 -9.71
CA ALA B 32 -16.45 16.23 -9.54
C ALA B 32 -17.09 15.82 -10.86
N ILE B 33 -17.92 14.76 -10.82
CA ILE B 33 -18.52 14.19 -12.03
C ILE B 33 -20.03 14.37 -11.94
N ASN B 34 -20.64 14.85 -13.02
CA ASN B 34 -22.09 14.99 -13.02
C ASN B 34 -22.76 13.61 -13.04
N PRO B 35 -24.03 13.52 -12.59
CA PRO B 35 -24.73 12.23 -12.64
C PRO B 35 -24.74 11.56 -14.01
N ASN B 36 -24.61 12.34 -15.08
CA ASN B 36 -24.61 11.79 -16.44
C ASN B 36 -23.23 11.29 -16.89
N GLY B 37 -22.23 11.35 -16.02
CA GLY B 37 -20.92 10.82 -16.34
C GLY B 37 -19.97 11.81 -16.99
N LYS B 38 -20.40 13.05 -17.17
CA LYS B 38 -19.58 14.08 -17.78
C LYS B 38 -18.91 14.91 -16.70
N LEU B 39 -17.68 15.36 -16.99
CA LEU B 39 -16.91 16.12 -16.01
C LEU B 39 -17.66 17.37 -15.58
N LYS B 40 -17.74 17.60 -14.27
CA LYS B 40 -18.15 18.89 -13.76
C LYS B 40 -16.92 19.77 -13.55
N TRP B 41 -15.95 19.30 -12.76
CA TRP B 41 -14.67 19.99 -12.65
C TRP B 41 -13.63 19.03 -12.06
N LYS B 42 -12.37 19.40 -12.18
CA LYS B 42 -11.28 18.65 -11.58
C LYS B 42 -10.36 19.66 -10.91
N PHE B 43 -10.01 19.42 -9.65
CA PHE B 43 -9.16 20.30 -8.86
C PHE B 43 -7.81 19.63 -8.64
N GLU B 44 -6.73 20.29 -9.07
CA GLU B 44 -5.40 19.70 -8.98
C GLU B 44 -4.77 19.95 -7.61
N THR B 45 -4.46 18.87 -6.89
CA THR B 45 -3.60 18.95 -5.72
C THR B 45 -2.16 18.64 -6.12
N GLY B 46 -1.25 18.69 -5.16
CA GLY B 46 0.13 18.45 -5.50
C GLY B 46 0.55 17.00 -5.49
N GLY B 47 -0.37 16.05 -5.30
CA GLY B 47 0.00 14.65 -5.20
C GLY B 47 -1.24 13.78 -5.28
N SER B 48 -1.00 12.46 -5.24
CA SER B 48 -2.10 11.50 -5.39
C SER B 48 -3.18 11.72 -4.34
N VAL B 49 -4.45 11.62 -4.76
CA VAL B 49 -5.56 11.78 -3.85
C VAL B 49 -6.13 10.40 -3.58
N HIS B 50 -5.63 9.75 -2.53
CA HIS B 50 -6.10 8.43 -2.12
C HIS B 50 -7.18 8.53 -1.07
N SER B 51 -7.12 9.60 -0.28
CA SER B 51 -8.16 9.95 0.68
C SER B 51 -9.52 10.04 -0.01
N SER B 52 -10.57 9.65 0.73
CA SER B 52 -11.93 9.66 0.20
C SER B 52 -12.64 10.92 0.66
N PRO B 53 -13.31 11.66 -0.24
CA PRO B 53 -13.87 12.95 0.17
C PRO B 53 -15.05 12.82 1.10
N ALA B 54 -15.22 13.85 1.93
CA ALA B 54 -16.41 14.02 2.75
C ALA B 54 -17.06 15.35 2.37
N ILE B 55 -18.37 15.43 2.53
CA ILE B 55 -19.14 16.61 2.11
C ILE B 55 -19.81 17.25 3.32
N GLY B 56 -19.57 18.53 3.50
CA GLY B 56 -20.19 19.29 4.58
C GLY B 56 -21.62 19.69 4.25
N GLN B 57 -22.29 20.26 5.26
CA GLN B 57 -23.69 20.64 5.08
C GLN B 57 -23.86 21.74 4.04
N ASP B 58 -22.89 22.64 3.90
CA ASP B 58 -22.98 23.67 2.88
C ASP B 58 -22.42 23.23 1.54
N GLY B 59 -22.07 21.94 1.39
CA GLY B 59 -21.58 21.42 0.13
C GLY B 59 -20.08 21.43 -0.04
N THR B 60 -19.34 22.02 0.90
CA THR B 60 -17.88 21.97 0.85
C THR B 60 -17.41 20.52 0.80
N ILE B 61 -16.39 20.26 -0.01
CA ILE B 61 -15.85 18.93 -0.18
C ILE B 61 -14.46 18.91 0.46
N TYR B 62 -14.26 18.01 1.42
CA TYR B 62 -12.99 17.90 2.10
C TYR B 62 -12.28 16.61 1.68
N VAL B 63 -10.99 16.69 1.40
CA VAL B 63 -10.24 15.50 1.04
C VAL B 63 -8.77 15.72 1.35
N GLY B 64 -8.08 14.64 1.73
CA GLY B 64 -6.65 14.70 1.91
C GLY B 64 -5.89 14.40 0.63
N SER B 65 -4.62 14.78 0.61
CA SER B 65 -3.76 14.53 -0.53
C SER B 65 -2.41 14.00 -0.05
N ASN B 66 -1.76 13.23 -0.92
CA ASN B 66 -0.40 12.75 -0.67
C ASN B 66 0.57 13.92 -0.55
N ASP B 67 0.17 15.14 -0.96
CA ASP B 67 1.03 16.30 -0.85
C ASP B 67 1.05 16.90 0.56
N HIS B 68 0.38 16.26 1.52
CA HIS B 68 0.37 16.53 2.97
C HIS B 68 -0.77 17.47 3.39
N TYR B 69 -1.55 17.99 2.46
CA TYR B 69 -2.62 18.93 2.81
C TYR B 69 -3.96 18.24 2.95
N LEU B 70 -4.80 18.81 3.84
CA LEU B 70 -6.23 18.59 3.83
C LEU B 70 -6.87 19.74 3.06
N TYR B 71 -7.64 19.41 2.03
CA TYR B 71 -8.26 20.40 1.17
C TYR B 71 -9.72 20.60 1.51
N ALA B 72 -10.15 21.85 1.47
CA ALA B 72 -11.58 22.21 1.53
C ALA B 72 -11.90 22.92 0.23
N ILE B 73 -12.75 22.31 -0.59
CA ILE B 73 -13.03 22.80 -1.93
C ILE B 73 -14.50 23.20 -2.00
N ASN B 74 -14.76 24.38 -2.56
CA ASN B 74 -16.14 24.82 -2.72
C ASN B 74 -16.86 23.98 -3.77
N PRO B 75 -18.19 23.95 -3.72
CA PRO B 75 -18.94 23.17 -4.73
C PRO B 75 -18.63 23.56 -6.16
N ASN B 76 -18.12 24.78 -6.40
CA ASN B 76 -17.81 25.22 -7.76
C ASN B 76 -16.40 24.83 -8.19
N GLY B 77 -15.67 24.08 -7.38
CA GLY B 77 -14.35 23.62 -7.76
C GLY B 77 -13.23 24.56 -7.40
N LYS B 78 -13.51 25.68 -6.76
CA LYS B 78 -12.47 26.60 -6.33
C LYS B 78 -12.09 26.30 -4.88
N LEU B 79 -10.81 26.49 -4.59
CA LEU B 79 -10.29 26.25 -3.25
C LEU B 79 -10.97 27.15 -2.23
N LYS B 80 -11.45 26.55 -1.14
CA LYS B 80 -11.83 27.34 0.04
C LYS B 80 -10.61 27.56 0.94
N TRP B 81 -9.99 26.47 1.38
CA TRP B 81 -8.72 26.56 2.11
C TRP B 81 -8.02 25.21 2.05
N LYS B 82 -6.74 25.22 2.41
CA LYS B 82 -5.98 24.00 2.58
C LYS B 82 -5.20 24.09 3.88
N PHE B 83 -5.09 22.96 4.58
CA PHE B 83 -4.39 22.89 5.86
C PHE B 83 -3.21 21.93 5.73
N GLU B 84 -2.00 22.40 6.06
CA GLU B 84 -0.79 21.59 5.93
C GLU B 84 -0.57 20.72 7.16
N THR B 85 -0.53 19.40 6.97
CA THR B 85 -0.02 18.48 7.98
C THR B 85 1.44 18.16 7.67
N GLY B 86 2.03 17.32 8.51
CA GLY B 86 3.43 16.98 8.33
C GLY B 86 3.71 15.81 7.43
N GLY B 87 2.67 15.17 6.88
CA GLY B 87 2.86 14.00 6.04
C GLY B 87 1.63 13.76 5.18
N SER B 88 1.74 12.73 4.34
CA SER B 88 0.66 12.37 3.42
C SER B 88 -0.63 12.16 4.18
N VAL B 89 -1.73 12.67 3.63
CA VAL B 89 -3.05 12.51 4.23
C VAL B 89 -3.79 11.46 3.40
N HIS B 90 -3.65 10.20 3.82
CA HIS B 90 -4.35 9.10 3.19
C HIS B 90 -5.68 8.81 3.88
N SER B 91 -5.75 9.12 5.17
CA SER B 91 -6.97 9.03 5.94
C SER B 91 -8.07 9.86 5.29
N SER B 92 -9.32 9.40 5.39
CA SER B 92 -10.49 10.09 4.83
C SER B 92 -11.17 10.91 5.90
N PRO B 93 -11.45 12.18 5.67
CA PRO B 93 -11.99 13.03 6.76
C PRO B 93 -13.40 12.63 7.18
N ALA B 94 -13.68 12.86 8.46
CA ALA B 94 -15.03 12.79 9.01
C ALA B 94 -15.43 14.17 9.49
N ILE B 95 -16.74 14.45 9.44
CA ILE B 95 -17.24 15.78 9.79
C ILE B 95 -18.15 15.64 11.01
N GLY B 96 -17.83 16.38 12.07
CA GLY B 96 -18.63 16.33 13.28
C GLY B 96 -19.94 17.09 13.13
N GLN B 97 -20.77 16.96 14.16
CA GLN B 97 -22.04 17.68 14.18
C GLN B 97 -21.83 19.19 14.07
N ASP B 98 -20.79 19.70 14.71
CA ASP B 98 -20.53 21.13 14.70
C ASP B 98 -19.69 21.57 13.50
N GLY B 99 -19.42 20.67 12.55
CA GLY B 99 -18.64 20.99 11.38
C GLY B 99 -17.14 20.77 11.50
N THR B 100 -16.64 20.40 12.68
CA THR B 100 -15.22 20.06 12.81
C THR B 100 -14.85 18.95 11.84
N ILE B 101 -13.70 19.08 11.20
CA ILE B 101 -13.19 18.06 10.28
C ILE B 101 -12.05 17.31 10.96
N TYR B 102 -12.18 15.98 11.04
CA TYR B 102 -11.16 15.13 11.66
C TYR B 102 -10.51 14.29 10.59
N VAL B 103 -9.18 14.21 10.61
CA VAL B 103 -8.50 13.38 9.62
C VAL B 103 -7.14 12.97 10.17
N GLY B 104 -6.73 11.74 9.82
CA GLY B 104 -5.41 11.28 10.18
C GLY B 104 -4.35 11.67 9.17
N SER B 105 -3.10 11.65 9.60
CA SER B 105 -1.98 11.95 8.74
C SER B 105 -0.88 10.92 8.91
N ASN B 106 -0.08 10.74 7.86
CA ASN B 106 1.12 9.90 7.90
C ASN B 106 2.13 10.42 8.92
N ASP B 107 1.99 11.68 9.36
CA ASP B 107 2.88 12.24 10.36
C ASP B 107 2.54 11.78 11.80
N HIS B 108 1.61 10.84 11.95
CA HIS B 108 1.19 10.13 13.18
C HIS B 108 0.09 10.86 13.95
N TYR B 109 -0.38 12.03 13.51
CA TYR B 109 -1.38 12.78 14.25
C TYR B 109 -2.78 12.55 13.70
N LEU B 110 -3.75 12.57 14.61
CA LEU B 110 -5.15 12.82 14.26
C LEU B 110 -5.39 14.32 14.39
N TYR B 111 -5.84 14.95 13.31
CA TYR B 111 -6.09 16.39 13.26
C TYR B 111 -7.58 16.68 13.45
N ALA B 112 -7.86 17.74 14.22
CA ALA B 112 -9.20 18.33 14.28
C ALA B 112 -9.07 19.76 13.77
N ILE B 113 -9.78 20.05 12.67
CA ILE B 113 -9.66 21.32 11.97
C ILE B 113 -11.03 21.99 11.99
N ASN B 114 -11.07 23.26 12.35
CA ASN B 114 -12.35 23.96 12.39
C ASN B 114 -12.84 24.28 10.97
N PRO B 115 -14.14 24.52 10.82
CA PRO B 115 -14.69 24.85 9.49
C PRO B 115 -14.00 25.99 8.77
N ASN B 116 -13.39 26.92 9.50
CA ASN B 116 -12.68 28.02 8.88
C ASN B 116 -11.24 27.66 8.52
N GLY B 117 -10.84 26.41 8.68
CA GLY B 117 -9.53 25.97 8.23
C GLY B 117 -8.43 26.09 9.24
N LYS B 118 -8.72 26.56 10.45
CA LYS B 118 -7.73 26.72 11.49
C LYS B 118 -7.71 25.48 12.37
N LEU B 119 -6.51 25.12 12.82
CA LEU B 119 -6.34 23.97 13.69
C LEU B 119 -7.14 24.14 14.97
N LYS B 120 -7.92 23.14 15.32
CA LYS B 120 -8.53 23.06 16.65
C LYS B 120 -7.59 22.35 17.61
N TRP B 121 -7.17 21.13 17.25
CA TRP B 121 -6.14 20.41 18.01
C TRP B 121 -5.61 19.28 17.14
N LYS B 122 -4.48 18.74 17.55
CA LYS B 122 -3.89 17.55 16.95
C LYS B 122 -3.47 16.59 18.05
N PHE B 123 -3.72 15.30 17.83
CA PHE B 123 -3.45 14.28 18.83
C PHE B 123 -2.40 13.32 18.27
N GLU B 124 -1.28 13.18 18.95
CA GLU B 124 -0.17 12.37 18.44
C GLU B 124 -0.33 10.91 18.83
N THR B 125 -0.44 10.03 17.83
CA THR B 125 -0.34 8.61 18.11
C THR B 125 1.09 8.16 17.89
N GLY B 126 1.34 6.86 18.06
CA GLY B 126 2.67 6.36 17.87
C GLY B 126 3.05 5.99 16.45
N GLY B 127 2.16 6.18 15.47
CA GLY B 127 2.45 5.76 14.11
C GLY B 127 1.47 6.40 13.14
N SER B 128 1.67 6.12 11.84
CA SER B 128 0.84 6.75 10.81
C SER B 128 -0.63 6.48 11.05
N VAL B 129 -1.46 7.51 10.85
CA VAL B 129 -2.91 7.37 11.02
C VAL B 129 -3.51 7.34 9.61
N HIS B 130 -3.60 6.13 9.05
CA HIS B 130 -4.22 5.93 7.75
C HIS B 130 -5.69 5.57 7.85
N SER B 131 -6.09 5.00 8.99
CA SER B 131 -7.48 4.76 9.31
C SER B 131 -8.26 6.06 9.26
N SER B 132 -9.54 5.97 8.87
CA SER B 132 -10.40 7.14 8.74
C SER B 132 -11.30 7.25 9.97
N PRO B 133 -11.39 8.41 10.60
CA PRO B 133 -12.11 8.48 11.88
C PRO B 133 -13.61 8.29 11.75
N ALA B 134 -14.20 7.81 12.84
CA ALA B 134 -15.64 7.75 12.99
C ALA B 134 -16.02 8.53 14.24
N ILE B 135 -17.23 9.09 14.25
CA ILE B 135 -17.67 9.94 15.36
C ILE B 135 -18.90 9.32 16.00
N GLY B 136 -18.85 9.14 17.33
CA GLY B 136 -19.99 8.59 18.05
C GLY B 136 -21.02 9.66 18.39
N GLN B 137 -22.16 9.20 18.87
CA GLN B 137 -23.24 10.10 19.26
C GLN B 137 -22.77 11.15 20.26
N ASP B 138 -21.91 10.79 21.21
CA ASP B 138 -21.48 11.77 22.20
C ASP B 138 -20.30 12.59 21.74
N GLY B 139 -19.90 12.47 20.48
CA GLY B 139 -18.80 13.25 19.96
C GLY B 139 -17.44 12.60 20.03
N THR B 140 -17.32 11.44 20.68
CA THR B 140 -16.05 10.72 20.72
C THR B 140 -15.58 10.43 19.30
N ILE B 141 -14.29 10.60 19.05
CA ILE B 141 -13.69 10.35 17.74
C ILE B 141 -12.87 9.07 17.83
N TYR B 142 -13.18 8.11 16.96
CA TYR B 142 -12.48 6.83 16.99
C TYR B 142 -11.62 6.72 15.74
N VAL B 143 -10.38 6.27 15.89
CA VAL B 143 -9.54 6.08 14.70
C VAL B 143 -8.46 5.06 15.02
N GLY B 144 -8.11 4.27 14.00
CA GLY B 144 -7.00 3.35 14.17
C GLY B 144 -5.66 4.00 13.85
N SER B 145 -4.60 3.36 14.31
CA SER B 145 -3.25 3.83 14.05
C SER B 145 -2.36 2.66 13.65
N ASN B 146 -1.35 2.98 12.87
CA ASN B 146 -0.34 2.01 12.51
C ASN B 146 0.42 1.48 13.73
N ASP B 147 0.33 2.17 14.87
CA ASP B 147 0.97 1.71 16.09
C ASP B 147 0.20 0.58 16.78
N HIS B 148 -0.84 0.04 16.15
CA HIS B 148 -1.63 -1.15 16.54
C HIS B 148 -2.83 -0.81 17.42
N TYR B 149 -3.05 0.45 17.79
CA TYR B 149 -4.13 0.82 18.69
C TYR B 149 -5.33 1.37 17.93
N LEU B 150 -6.51 1.09 18.48
CA LEU B 150 -7.72 1.85 18.19
C LEU B 150 -7.83 2.94 19.25
N TYR B 151 -7.89 4.20 18.81
CA TYR B 151 -7.95 5.34 19.72
C TYR B 151 -9.38 5.85 19.83
N ALA B 152 -9.78 6.21 21.05
CA ALA B 152 -11.00 6.97 21.28
C ALA B 152 -10.59 8.29 21.91
N ILE B 153 -10.87 9.39 21.22
CA ILE B 153 -10.40 10.71 21.62
C ILE B 153 -11.61 11.58 21.92
N ASN B 154 -11.54 12.32 23.04
CA ASN B 154 -12.63 13.22 23.37
C ASN B 154 -12.65 14.43 22.41
N PRO B 155 -13.79 15.10 22.26
CA PRO B 155 -13.83 16.26 21.36
C PRO B 155 -12.85 17.36 21.73
N ASN B 156 -12.36 17.41 22.97
CA ASN B 156 -11.36 18.41 23.33
C ASN B 156 -9.93 17.99 22.96
N GLY B 157 -9.77 16.85 22.30
CA GLY B 157 -8.45 16.42 21.89
C GLY B 157 -7.68 15.65 22.92
N LYS B 158 -8.29 15.28 24.03
CA LYS B 158 -7.62 14.50 25.06
C LYS B 158 -8.08 13.05 24.96
N LEU B 159 -7.17 12.15 25.29
CA LEU B 159 -7.43 10.72 25.18
C LEU B 159 -8.58 10.30 26.08
N LYS B 160 -9.49 9.49 25.53
CA LYS B 160 -10.44 8.76 26.34
C LYS B 160 -9.90 7.38 26.70
N TRP B 161 -9.60 6.58 25.68
CA TRP B 161 -8.90 5.32 25.88
C TRP B 161 -8.24 4.89 24.56
N LYS B 162 -7.28 3.97 24.67
CA LYS B 162 -6.76 3.33 23.47
C LYS B 162 -6.82 1.82 23.68
N PHE B 163 -7.23 1.09 22.66
CA PHE B 163 -7.35 -0.35 22.76
C PHE B 163 -6.25 -0.98 21.93
N GLU B 164 -5.35 -1.66 22.62
CA GLU B 164 -4.42 -2.55 22.01
C GLU B 164 -5.38 -3.70 21.76
N THR C 5 4.54 3.77 -19.21
CA THR C 5 3.72 2.60 -19.34
C THR C 5 2.28 3.04 -19.21
N GLY C 6 1.37 2.09 -19.13
CA GLY C 6 -0.02 2.44 -18.95
C GLY C 6 -0.43 2.70 -17.53
N GLY C 7 0.50 2.63 -16.58
CA GLY C 7 0.14 2.78 -15.18
C GLY C 7 1.38 2.98 -14.32
N SER C 8 1.13 3.15 -13.01
CA SER C 8 2.20 3.42 -12.06
C SER C 8 3.29 2.37 -12.13
N VAL C 9 4.55 2.82 -12.08
CA VAL C 9 5.67 1.88 -12.10
C VAL C 9 6.24 1.80 -10.68
N HIS C 10 5.68 0.91 -9.89
CA HIS C 10 6.16 0.70 -8.53
C HIS C 10 7.22 -0.37 -8.46
N SER C 11 7.17 -1.32 -9.41
CA SER C 11 8.20 -2.33 -9.59
C SER C 11 9.58 -1.67 -9.77
N SER C 12 10.62 -2.37 -9.25
CA SER C 12 12.01 -1.87 -9.35
C SER C 12 12.73 -2.52 -10.51
N PRO C 13 13.40 -1.77 -11.38
CA PRO C 13 13.96 -2.37 -12.60
C PRO C 13 15.13 -3.30 -12.32
N ALA C 14 15.30 -4.26 -13.22
CA ALA C 14 16.47 -5.13 -13.25
C ALA C 14 17.12 -4.98 -14.62
N ILE C 15 18.45 -5.14 -14.66
CA ILE C 15 19.21 -4.90 -15.88
C ILE C 15 19.87 -6.21 -16.33
N GLY C 16 19.60 -6.61 -17.56
CA GLY C 16 20.17 -7.84 -18.10
C GLY C 16 21.61 -7.65 -18.55
N GLN C 17 22.25 -8.77 -18.91
CA GLN C 17 23.66 -8.72 -19.31
C GLN C 17 23.87 -7.86 -20.54
N ASP C 18 22.90 -7.82 -21.45
CA ASP C 18 23.01 -7.04 -22.67
C ASP C 18 22.48 -5.62 -22.51
N GLY C 19 22.12 -5.23 -21.30
CA GLY C 19 21.67 -3.88 -21.02
C GLY C 19 20.17 -3.69 -21.01
N THR C 20 19.41 -4.71 -21.42
CA THR C 20 17.96 -4.62 -21.39
C THR C 20 17.49 -4.31 -19.98
N ILE C 21 16.51 -3.42 -19.86
CA ILE C 21 15.97 -3.03 -18.57
C ILE C 21 14.57 -3.63 -18.44
N TYR C 22 14.34 -4.41 -17.39
CA TYR C 22 13.06 -5.05 -17.16
C TYR C 22 12.37 -4.43 -15.96
N VAL C 23 11.06 -4.17 -16.09
CA VAL C 23 10.31 -3.60 -14.97
C VAL C 23 8.84 -3.93 -15.14
N GLY C 24 8.17 -4.15 -14.01
CA GLY C 24 6.73 -4.32 -14.01
C GLY C 24 5.98 -2.99 -13.95
N SER C 25 4.72 -3.03 -14.33
CA SER C 25 3.86 -1.87 -14.28
C SER C 25 2.50 -2.25 -13.69
N ASN C 26 1.86 -1.26 -13.06
CA ASN C 26 0.49 -1.40 -12.58
C ASN C 26 -0.47 -1.68 -13.73
N ASP C 27 -0.05 -1.47 -14.98
CA ASP C 27 -0.90 -1.75 -16.13
C ASP C 27 -0.94 -3.24 -16.50
N HIS C 28 -0.32 -4.10 -15.69
CA HIS C 28 -0.34 -5.57 -15.73
C HIS C 28 0.79 -6.15 -16.59
N TYR C 29 1.62 -5.33 -17.24
CA TYR C 29 2.67 -5.83 -18.10
C TYR C 29 4.02 -5.89 -17.40
N LEU C 30 4.83 -6.88 -17.80
CA LEU C 30 6.28 -6.84 -17.60
C LEU C 30 6.90 -6.25 -18.85
N TYR C 31 7.67 -5.18 -18.67
CA TYR C 31 8.32 -4.47 -19.77
C TYR C 31 9.77 -4.87 -19.91
N ALA C 32 10.22 -5.05 -21.15
CA ALA C 32 11.63 -5.19 -21.49
C ALA C 32 11.98 -4.03 -22.41
N ILE C 33 12.87 -3.16 -21.94
CA ILE C 33 13.19 -1.91 -22.62
C ILE C 33 14.66 -1.91 -23.02
N ASN C 34 14.94 -1.54 -24.28
CA ASN C 34 16.30 -1.43 -24.73
C ASN C 34 16.99 -0.23 -24.09
N PRO C 35 18.33 -0.24 -24.03
CA PRO C 35 19.06 0.90 -23.45
C PRO C 35 18.74 2.22 -24.10
N ASN C 36 18.24 2.25 -25.34
CA ASN C 36 17.89 3.49 -26.01
C ASN C 36 16.48 3.97 -25.68
N GLY C 37 15.76 3.27 -24.80
CA GLY C 37 14.44 3.71 -24.41
C GLY C 37 13.32 3.25 -25.30
N LYS C 38 13.59 2.39 -26.27
CA LYS C 38 12.55 1.82 -27.11
C LYS C 38 12.18 0.43 -26.60
N LEU C 39 10.90 0.09 -26.74
CA LEU C 39 10.42 -1.21 -26.28
C LEU C 39 11.14 -2.35 -26.98
N LYS C 40 11.58 -3.34 -26.21
CA LYS C 40 11.97 -4.62 -26.77
C LYS C 40 10.77 -5.56 -26.85
N TRP C 41 10.10 -5.79 -25.71
CA TRP C 41 8.81 -6.44 -25.71
C TRP C 41 8.12 -6.15 -24.39
N LYS C 42 6.81 -6.41 -24.35
CA LYS C 42 6.08 -6.41 -23.10
C LYS C 42 5.24 -7.68 -23.01
N PHE C 43 5.15 -8.22 -21.79
CA PHE C 43 4.44 -9.46 -21.53
C PHE C 43 3.28 -9.18 -20.59
N GLU C 44 2.06 -9.53 -21.04
CA GLU C 44 0.86 -9.24 -20.25
C GLU C 44 0.59 -10.35 -19.25
N THR C 45 0.55 -10.00 -17.96
CA THR C 45 0.04 -10.88 -16.91
C THR C 45 -1.43 -10.53 -16.62
N GLY C 46 -2.01 -11.24 -15.66
CA GLY C 46 -3.42 -11.01 -15.34
C GLY C 46 -3.69 -9.89 -14.37
N GLY C 47 -2.66 -9.22 -13.87
CA GLY C 47 -2.84 -8.21 -12.83
C GLY C 47 -1.60 -7.35 -12.68
N SER C 48 -1.69 -6.36 -11.79
CA SER C 48 -0.59 -5.42 -11.59
C SER C 48 0.70 -6.14 -11.27
N VAL C 49 1.80 -5.68 -11.86
CA VAL C 49 3.12 -6.25 -11.60
C VAL C 49 3.87 -5.27 -10.70
N HIS C 50 3.69 -5.43 -9.39
CA HIS C 50 4.42 -4.65 -8.40
C HIS C 50 5.73 -5.31 -8.00
N SER C 51 5.77 -6.64 -8.08
CA SER C 51 6.98 -7.42 -7.86
C SER C 51 8.09 -6.92 -8.78
N SER C 52 9.35 -6.96 -8.27
CA SER C 52 10.50 -6.52 -9.08
C SER C 52 11.19 -7.71 -9.71
N PRO C 53 11.52 -7.66 -11.00
CA PRO C 53 12.06 -8.85 -11.66
C PRO C 53 13.46 -9.21 -11.20
N ALA C 54 13.75 -10.51 -11.29
CA ALA C 54 15.09 -11.05 -11.09
C ALA C 54 15.48 -11.78 -12.36
N ILE C 55 16.78 -11.80 -12.66
CA ILE C 55 17.27 -12.36 -13.92
C ILE C 55 18.18 -13.54 -13.63
N GLY C 56 17.86 -14.69 -14.23
CA GLY C 56 18.65 -15.89 -14.04
C GLY C 56 19.91 -15.90 -14.89
N GLN C 57 20.72 -16.95 -14.69
CA GLN C 57 22.00 -16.97 -15.37
C GLN C 57 21.84 -17.20 -16.88
N ASP C 58 20.76 -17.86 -17.30
CA ASP C 58 20.47 -18.02 -18.73
C ASP C 58 19.60 -16.90 -19.27
N GLY C 59 19.39 -15.84 -18.49
CA GLY C 59 18.62 -14.71 -18.96
C GLY C 59 17.13 -14.77 -18.68
N THR C 60 16.63 -15.88 -18.14
CA THR C 60 15.21 -15.96 -17.78
C THR C 60 14.88 -14.84 -16.79
N ILE C 61 13.72 -14.23 -16.97
CA ILE C 61 13.27 -13.15 -16.11
C ILE C 61 12.13 -13.67 -15.25
N TYR C 62 12.26 -13.52 -13.92
CA TYR C 62 11.25 -14.00 -13.00
C TYR C 62 10.58 -12.82 -12.33
N VAL C 63 9.25 -12.84 -12.23
CA VAL C 63 8.55 -11.74 -11.56
C VAL C 63 7.20 -12.25 -11.07
N GLY C 64 6.76 -11.71 -9.92
CA GLY C 64 5.43 -12.00 -9.43
C GLY C 64 4.40 -11.07 -10.01
N SER C 65 3.14 -11.47 -9.92
CA SER C 65 2.01 -10.66 -10.35
C SER C 65 0.92 -10.67 -9.30
N ASN C 66 0.15 -9.58 -9.26
CA ASN C 66 -1.09 -9.50 -8.49
C ASN C 66 -2.08 -10.59 -8.85
N ASP C 67 -1.91 -11.24 -10.00
CA ASP C 67 -2.82 -12.30 -10.38
C ASP C 67 -2.51 -13.63 -9.70
N HIS C 68 -1.57 -13.65 -8.74
CA HIS C 68 -1.20 -14.77 -7.85
C HIS C 68 -0.09 -15.66 -8.43
N TYR C 69 0.39 -15.41 -9.64
CA TYR C 69 1.38 -16.27 -10.26
C TYR C 69 2.79 -15.70 -10.12
N LEU C 70 3.76 -16.61 -10.03
CA LEU C 70 5.16 -16.30 -10.30
C LEU C 70 5.45 -16.65 -11.76
N TYR C 71 5.93 -15.68 -12.53
CA TYR C 71 6.21 -15.88 -13.95
C TYR C 71 7.70 -16.09 -14.20
N ALA C 72 8.00 -17.00 -15.12
CA ALA C 72 9.33 -17.18 -15.69
C ALA C 72 9.19 -16.89 -17.18
N ILE C 73 9.86 -15.84 -17.65
CA ILE C 73 9.71 -15.38 -19.02
C ILE C 73 11.05 -15.53 -19.72
N ASN C 74 11.03 -16.12 -20.92
CA ASN C 74 12.27 -16.26 -21.67
C ASN C 74 12.77 -14.89 -22.12
N PRO C 75 14.08 -14.76 -22.36
CA PRO C 75 14.61 -13.47 -22.84
C PRO C 75 13.92 -12.96 -24.09
N ASN C 76 13.33 -13.84 -24.91
CA ASN C 76 12.58 -13.39 -26.09
C ASN C 76 11.17 -12.92 -25.78
N GLY C 77 10.75 -12.89 -24.51
CA GLY C 77 9.44 -12.36 -24.20
C GLY C 77 8.31 -13.36 -24.22
N LYS C 78 8.62 -14.63 -24.46
CA LYS C 78 7.63 -15.70 -24.42
C LYS C 78 7.66 -16.38 -23.06
N LEU C 79 6.48 -16.77 -22.60
CA LEU C 79 6.34 -17.48 -21.34
C LEU C 79 7.17 -18.76 -21.34
N LYS C 80 7.95 -18.96 -20.27
CA LYS C 80 8.55 -20.26 -20.05
C LYS C 80 7.64 -21.11 -19.16
N TRP C 81 7.28 -20.59 -17.98
CA TRP C 81 6.25 -21.21 -17.16
C TRP C 81 5.72 -20.18 -16.18
N LYS C 82 4.59 -20.52 -15.56
CA LYS C 82 4.00 -19.71 -14.50
C LYS C 82 3.57 -20.65 -13.38
N PHE C 83 3.86 -20.26 -12.14
CA PHE C 83 3.53 -21.06 -10.96
C PHE C 83 2.47 -20.34 -10.14
N GLU C 84 1.34 -21.00 -9.87
CA GLU C 84 0.23 -20.38 -9.15
C GLU C 84 0.40 -20.51 -7.63
N THR C 85 0.45 -19.37 -6.93
CA THR C 85 0.34 -19.36 -5.47
C THR C 85 -1.12 -19.05 -5.10
N GLY C 86 -1.37 -18.98 -3.80
CA GLY C 86 -2.72 -18.74 -3.34
C GLY C 86 -3.12 -17.29 -3.23
N GLY C 87 -2.24 -16.36 -3.59
CA GLY C 87 -2.52 -14.94 -3.43
C GLY C 87 -1.54 -14.09 -4.20
N SER C 88 -1.77 -12.77 -4.16
CA SER C 88 -0.93 -11.82 -4.89
C SER C 88 0.55 -12.02 -4.55
N VAL C 89 1.39 -11.97 -5.59
CA VAL C 89 2.83 -12.11 -5.41
C VAL C 89 3.44 -10.71 -5.57
N HIS C 90 3.49 -9.97 -4.45
CA HIS C 90 4.13 -8.65 -4.43
C HIS C 90 5.61 -8.74 -4.11
N SER C 91 6.00 -9.76 -3.36
CA SER C 91 7.40 -10.06 -3.08
C SER C 91 8.19 -10.19 -4.38
N SER C 92 9.46 -9.79 -4.32
CA SER C 92 10.35 -9.86 -5.49
C SER C 92 11.22 -11.11 -5.40
N PRO C 93 11.29 -11.91 -6.46
CA PRO C 93 12.02 -13.18 -6.36
C PRO C 93 13.53 -13.02 -6.16
N ALA C 94 14.09 -13.99 -5.47
CA ALA C 94 15.54 -14.16 -5.37
C ALA C 94 15.93 -15.50 -5.99
N ILE C 95 17.11 -15.54 -6.59
CA ILE C 95 17.58 -16.73 -7.29
C ILE C 95 18.81 -17.28 -6.57
N GLY C 96 18.72 -18.54 -6.13
CA GLY C 96 19.83 -19.17 -5.47
C GLY C 96 20.93 -19.57 -6.43
N GLN C 97 22.06 -20.00 -5.85
CA GLN C 97 23.19 -20.44 -6.67
C GLN C 97 22.82 -21.61 -7.57
N ASP C 98 21.94 -22.49 -7.11
CA ASP C 98 21.51 -23.62 -7.92
C ASP C 98 20.36 -23.28 -8.83
N GLY C 99 19.91 -22.03 -8.88
CA GLY C 99 18.81 -21.65 -9.73
C GLY C 99 17.45 -21.69 -9.08
N THR C 100 17.35 -22.15 -7.82
CA THR C 100 16.08 -22.13 -7.13
C THR C 100 15.58 -20.69 -7.04
N ILE C 101 14.28 -20.51 -7.25
CA ILE C 101 13.65 -19.20 -7.17
C ILE C 101 12.82 -19.14 -5.90
N TYR C 102 13.09 -18.14 -5.07
CA TYR C 102 12.38 -17.96 -3.81
C TYR C 102 11.53 -16.69 -3.90
N VAL C 103 10.28 -16.78 -3.44
CA VAL C 103 9.44 -15.58 -3.47
C VAL C 103 8.33 -15.75 -2.43
N GLY C 104 7.95 -14.63 -1.80
CA GLY C 104 6.83 -14.64 -0.89
C GLY C 104 5.51 -14.41 -1.60
N SER C 105 4.43 -14.77 -0.93
CA SER C 105 3.09 -14.57 -1.45
C SER C 105 2.19 -13.97 -0.37
N ASN C 106 1.17 -13.22 -0.81
CA ASN C 106 0.09 -12.78 0.07
C ASN C 106 -0.58 -13.93 0.81
N ASP C 107 -0.43 -15.16 0.32
CA ASP C 107 -1.08 -16.31 0.96
C ASP C 107 -0.31 -16.81 2.19
N HIS C 108 0.71 -16.07 2.63
CA HIS C 108 1.50 -16.24 3.87
C HIS C 108 2.69 -17.16 3.69
N TYR C 109 2.91 -17.75 2.52
CA TYR C 109 3.99 -18.69 2.32
C TYR C 109 5.19 -18.03 1.65
N LEU C 110 6.38 -18.49 2.04
CA LEU C 110 7.57 -18.33 1.24
C LEU C 110 7.70 -19.56 0.34
N TYR C 111 7.76 -19.33 -0.98
CA TYR C 111 7.86 -20.41 -1.96
C TYR C 111 9.29 -20.61 -2.41
N ALA C 112 9.66 -21.89 -2.60
CA ALA C 112 10.89 -22.27 -3.28
C ALA C 112 10.47 -23.06 -4.51
N ILE C 113 10.85 -22.55 -5.68
CA ILE C 113 10.40 -23.12 -6.95
C ILE C 113 11.63 -23.53 -7.75
N ASN C 114 11.61 -24.73 -8.30
CA ASN C 114 12.77 -25.23 -9.02
C ASN C 114 12.84 -24.57 -10.40
N PRO C 115 14.01 -24.62 -11.05
CA PRO C 115 14.15 -23.99 -12.38
C PRO C 115 13.15 -24.47 -13.41
N ASN C 116 12.62 -25.67 -13.26
CA ASN C 116 11.61 -26.20 -14.16
C ASN C 116 10.19 -25.78 -13.81
N GLY C 117 10.01 -24.93 -12.79
CA GLY C 117 8.69 -24.44 -12.47
C GLY C 117 7.87 -25.27 -11.52
N LYS C 118 8.44 -26.33 -10.95
CA LYS C 118 7.69 -27.16 -10.03
C LYS C 118 8.07 -26.79 -8.60
N LEU C 119 7.11 -26.96 -7.70
CA LEU C 119 7.32 -26.63 -6.30
C LEU C 119 8.46 -27.46 -5.72
N LYS C 120 9.40 -26.78 -5.05
CA LYS C 120 10.38 -27.48 -4.24
C LYS C 120 9.87 -27.62 -2.81
N TRP C 121 9.44 -26.50 -2.22
CA TRP C 121 8.73 -26.51 -0.94
C TRP C 121 8.09 -25.15 -0.72
N LYS C 122 7.16 -25.08 0.23
CA LYS C 122 6.55 -23.83 0.65
C LYS C 122 6.60 -23.79 2.18
N PHE C 123 7.00 -22.65 2.74
CA PHE C 123 7.13 -22.47 4.17
C PHE C 123 6.05 -21.52 4.66
N GLU C 124 5.27 -21.93 5.66
CA GLU C 124 4.15 -21.11 6.14
C GLU C 124 4.61 -20.14 7.22
N THR C 125 4.48 -18.84 6.96
CA THR C 125 4.61 -17.84 8.02
C THR C 125 3.21 -17.50 8.54
N GLY C 126 3.16 -16.60 9.52
CA GLY C 126 1.89 -16.24 10.11
C GLY C 126 1.12 -15.16 9.38
N GLY C 127 1.65 -14.65 8.27
CA GLY C 127 1.03 -13.51 7.61
C GLY C 127 1.59 -13.33 6.22
N SER C 128 1.04 -12.34 5.51
CA SER C 128 1.45 -12.05 4.14
C SER C 128 2.96 -11.82 4.04
N VAL C 129 3.57 -12.40 3.01
CA VAL C 129 5.01 -12.22 2.82
C VAL C 129 5.23 -11.25 1.67
N HIS C 130 5.33 -9.96 2.00
CA HIS C 130 5.57 -8.91 1.03
C HIS C 130 7.05 -8.66 0.84
N SER C 131 7.82 -8.87 1.92
CA SER C 131 9.26 -8.75 1.90
C SER C 131 9.85 -9.64 0.83
N SER C 132 10.96 -9.18 0.21
CA SER C 132 11.63 -9.97 -0.82
C SER C 132 12.79 -10.76 -0.23
N PRO C 133 12.92 -12.06 -0.49
CA PRO C 133 13.96 -12.84 0.20
C PRO C 133 15.38 -12.47 -0.21
N ALA C 134 16.31 -12.74 0.71
CA ALA C 134 17.74 -12.65 0.43
C ALA C 134 18.38 -13.97 0.80
N ILE C 135 19.45 -14.33 0.09
CA ILE C 135 20.10 -15.63 0.26
C ILE C 135 21.49 -15.43 0.83
N GLY C 136 21.79 -16.12 1.93
CA GLY C 136 23.10 -16.06 2.52
C GLY C 136 24.09 -16.98 1.82
N GLN C 137 25.36 -16.87 2.24
CA GLN C 137 26.42 -17.64 1.59
C GLN C 137 26.20 -19.14 1.75
N ASP C 138 25.66 -19.57 2.89
CA ASP C 138 25.43 -20.99 3.12
C ASP C 138 24.08 -21.45 2.60
N GLY C 139 23.35 -20.60 1.88
CA GLY C 139 22.07 -20.98 1.33
C GLY C 139 20.86 -20.62 2.16
N THR C 140 21.06 -20.17 3.41
CA THR C 140 19.94 -19.72 4.23
C THR C 140 19.15 -18.63 3.49
N ILE C 141 17.82 -18.74 3.54
CA ILE C 141 16.94 -17.76 2.93
C ILE C 141 16.30 -16.91 4.02
N TYR C 142 16.44 -15.60 3.90
CA TYR C 142 15.92 -14.65 4.89
C TYR C 142 14.76 -13.88 4.26
N VAL C 143 13.68 -13.70 5.02
CA VAL C 143 12.56 -12.92 4.51
C VAL C 143 11.74 -12.41 5.68
N GLY C 144 11.19 -11.20 5.53
CA GLY C 144 10.24 -10.70 6.51
C GLY C 144 8.82 -11.15 6.23
N SER C 145 7.99 -11.07 7.26
CA SER C 145 6.57 -11.40 7.16
C SER C 145 5.73 -10.32 7.83
N ASN C 146 4.50 -10.17 7.34
CA ASN C 146 3.51 -9.31 7.98
C ASN C 146 3.20 -9.77 9.41
N ASP C 147 3.63 -10.97 9.81
CA ASP C 147 3.41 -11.44 11.17
C ASP C 147 4.43 -10.89 12.18
N HIS C 148 5.30 -9.96 11.76
CA HIS C 148 6.27 -9.18 12.54
C HIS C 148 7.64 -9.87 12.64
N TYR C 149 7.81 -11.08 12.11
CA TYR C 149 9.08 -11.78 12.22
C TYR C 149 9.95 -11.60 10.99
N LEU C 150 11.26 -11.62 11.22
CA LEU C 150 12.24 -11.91 10.18
C LEU C 150 12.56 -13.40 10.26
N TYR C 151 12.33 -14.12 9.17
CA TYR C 151 12.56 -15.55 9.10
C TYR C 151 13.90 -15.87 8.49
N ALA C 152 14.56 -16.90 9.03
CA ALA C 152 15.69 -17.57 8.40
C ALA C 152 15.27 -19.00 8.14
N ILE C 153 15.25 -19.40 6.87
CA ILE C 153 14.79 -20.72 6.46
C ILE C 153 15.96 -21.49 5.86
N ASN C 154 16.12 -22.75 6.27
CA ASN C 154 17.18 -23.56 5.70
C ASN C 154 16.86 -23.90 4.25
N PRO C 155 17.87 -24.25 3.45
CA PRO C 155 17.61 -24.63 2.05
C PRO C 155 16.60 -25.76 1.88
N ASN C 156 16.42 -26.61 2.90
CA ASN C 156 15.47 -27.70 2.84
C ASN C 156 14.05 -27.30 3.21
N GLY C 157 13.81 -26.01 3.50
CA GLY C 157 12.47 -25.54 3.78
C GLY C 157 12.08 -25.58 5.24
N LYS C 158 12.97 -26.01 6.11
CA LYS C 158 12.70 -26.09 7.55
C LYS C 158 13.21 -24.83 8.22
N LEU C 159 12.50 -24.39 9.26
CA LEU C 159 12.86 -23.18 9.97
C LEU C 159 14.27 -23.27 10.53
N LYS C 160 15.08 -22.23 10.30
CA LYS C 160 16.33 -22.07 11.04
C LYS C 160 16.08 -21.25 12.30
N TRP C 161 15.54 -20.04 12.14
CA TRP C 161 15.08 -19.25 13.27
C TRP C 161 14.12 -18.17 12.81
N LYS C 162 13.42 -17.57 13.76
CA LYS C 162 12.54 -16.44 13.48
C LYS C 162 12.79 -15.39 14.54
N PHE C 163 13.06 -14.16 14.11
CA PHE C 163 13.37 -13.08 15.02
C PHE C 163 12.17 -12.16 15.11
N GLU C 164 11.61 -12.05 16.31
CA GLU C 164 10.62 -11.06 16.61
C GLU C 164 11.56 -9.91 16.96
N THR D 5 10.05 -8.62 15.30
CA THR D 5 10.20 -7.22 15.58
C THR D 5 8.90 -6.76 16.20
N GLY D 6 8.77 -5.46 16.44
CA GLY D 6 7.52 -5.00 16.99
C GLY D 6 6.44 -4.74 15.98
N GLY D 7 6.65 -5.07 14.71
CA GLY D 7 5.67 -4.76 13.69
C GLY D 7 5.99 -5.48 12.38
N SER D 8 5.13 -5.26 11.38
CA SER D 8 5.27 -5.98 10.12
C SER D 8 6.63 -5.72 9.49
N VAL D 9 7.22 -6.77 8.91
CA VAL D 9 8.52 -6.65 8.25
C VAL D 9 8.25 -6.70 6.75
N HIS D 10 8.02 -5.54 6.15
CA HIS D 10 7.82 -5.44 4.71
C HIS D 10 9.12 -5.13 3.98
N SER D 11 10.05 -4.49 4.68
CA SER D 11 11.40 -4.28 4.19
C SER D 11 12.04 -5.61 3.82
N SER D 12 12.90 -5.58 2.78
CA SER D 12 13.59 -6.77 2.28
C SER D 12 15.00 -6.83 2.86
N PRO D 13 15.44 -7.96 3.41
CA PRO D 13 16.73 -7.97 4.10
C PRO D 13 17.91 -7.84 3.16
N ALA D 14 18.98 -7.27 3.69
CA ALA D 14 20.29 -7.27 3.03
C ALA D 14 21.28 -7.98 3.94
N ILE D 15 22.31 -8.56 3.34
CA ILE D 15 23.27 -9.39 4.07
C ILE D 15 24.66 -8.78 3.92
N GLY D 16 25.31 -8.52 5.06
CA GLY D 16 26.66 -8.00 5.04
C GLY D 16 27.71 -9.07 4.80
N GLN D 17 28.96 -8.62 4.65
CA GLN D 17 30.05 -9.55 4.37
C GLN D 17 30.25 -10.55 5.51
N ASP D 18 30.02 -10.16 6.76
CA ASP D 18 30.18 -11.09 7.87
C ASP D 18 28.91 -11.88 8.16
N GLY D 19 27.90 -11.77 7.28
CA GLY D 19 26.68 -12.54 7.45
C GLY D 19 25.59 -11.84 8.24
N THR D 20 25.86 -10.67 8.82
CA THR D 20 24.82 -9.89 9.47
C THR D 20 23.67 -9.64 8.51
N ILE D 21 22.44 -9.74 9.03
CA ILE D 21 21.24 -9.53 8.22
C ILE D 21 20.61 -8.22 8.68
N TYR D 22 20.41 -7.29 7.74
CA TYR D 22 19.80 -6.00 8.05
C TYR D 22 18.41 -5.93 7.44
N VAL D 23 17.44 -5.43 8.21
CA VAL D 23 16.09 -5.29 7.68
C VAL D 23 15.36 -4.22 8.48
N GLY D 24 14.47 -3.49 7.79
CA GLY D 24 13.62 -2.54 8.47
C GLY D 24 12.33 -3.17 8.96
N SER D 25 11.68 -2.51 9.91
CA SER D 25 10.41 -2.96 10.43
C SER D 25 9.43 -1.81 10.48
N ASN D 26 8.14 -2.14 10.40
CA ASN D 26 7.06 -1.18 10.58
C ASN D 26 7.10 -0.57 11.98
N ASP D 27 7.85 -1.16 12.92
CA ASP D 27 7.98 -0.60 14.27
C ASP D 27 8.95 0.56 14.35
N HIS D 28 9.51 1.01 13.23
CA HIS D 28 10.35 2.20 13.03
C HIS D 28 11.85 1.88 13.14
N TYR D 29 12.24 0.65 13.46
CA TYR D 29 13.65 0.34 13.65
C TYR D 29 14.25 -0.27 12.39
N LEU D 30 15.56 -0.01 12.21
CA LEU D 30 16.41 -0.82 11.34
C LEU D 30 17.11 -1.84 12.23
N TYR D 31 16.95 -3.13 11.89
CA TYR D 31 17.53 -4.22 12.67
C TYR D 31 18.79 -4.75 12.03
N ALA D 32 19.78 -5.06 12.86
CA ALA D 32 20.96 -5.82 12.47
C ALA D 32 20.96 -7.10 13.29
N ILE D 33 20.82 -8.23 12.61
CA ILE D 33 20.66 -9.52 13.26
C ILE D 33 21.85 -10.41 12.92
N ASN D 34 22.42 -11.05 13.94
CA ASN D 34 23.52 -11.97 13.72
C ASN D 34 23.04 -13.21 12.98
N PRO D 35 23.95 -13.92 12.30
CA PRO D 35 23.56 -15.15 11.59
C PRO D 35 22.88 -16.18 12.48
N ASN D 36 23.08 -16.12 13.80
CA ASN D 36 22.45 -17.08 14.71
C ASN D 36 21.07 -16.65 15.18
N GLY D 37 20.55 -15.55 14.65
CA GLY D 37 19.22 -15.10 15.01
C GLY D 37 19.14 -14.22 16.23
N LYS D 38 20.27 -13.87 16.84
CA LYS D 38 20.28 -12.97 17.98
C LYS D 38 20.54 -11.55 17.51
N LEU D 39 19.90 -10.59 18.19
CA LEU D 39 20.05 -9.18 17.85
C LEU D 39 21.50 -8.75 17.96
N LYS D 40 21.99 -8.06 16.95
CA LYS D 40 23.25 -7.34 17.08
C LYS D 40 22.99 -5.92 17.56
N TRP D 41 22.20 -5.17 16.80
CA TRP D 41 21.72 -3.87 17.28
C TRP D 41 20.47 -3.49 16.51
N LYS D 42 19.77 -2.49 17.02
CA LYS D 42 18.66 -1.87 16.32
C LYS D 42 18.79 -0.36 16.40
N PHE D 43 18.43 0.32 15.30
CA PHE D 43 18.51 1.77 15.21
C PHE D 43 17.12 2.35 15.01
N GLU D 44 16.73 3.27 15.89
CA GLU D 44 15.41 3.91 15.84
C GLU D 44 15.35 5.05 14.83
N THR D 45 14.50 4.91 13.81
CA THR D 45 14.12 6.06 13.00
C THR D 45 12.80 6.63 13.52
N GLY D 46 12.33 7.69 12.86
CA GLY D 46 11.11 8.34 13.29
C GLY D 46 9.83 7.78 12.73
N GLY D 47 9.90 6.76 11.87
CA GLY D 47 8.71 6.19 11.26
C GLY D 47 9.00 4.81 10.69
N SER D 48 7.97 4.21 10.10
CA SER D 48 8.09 2.86 9.57
C SER D 48 9.23 2.77 8.58
N VAL D 49 9.96 1.66 8.65
CA VAL D 49 11.04 1.45 7.69
C VAL D 49 10.58 0.38 6.71
N HIS D 50 9.98 0.82 5.61
CA HIS D 50 9.56 -0.06 4.53
C HIS D 50 10.64 -0.21 3.47
N SER D 51 11.45 0.83 3.30
CA SER D 51 12.61 0.78 2.43
C SER D 51 13.50 -0.40 2.79
N SER D 52 14.14 -0.99 1.78
CA SER D 52 15.06 -2.12 1.97
C SER D 52 16.49 -1.63 2.01
N PRO D 53 17.29 -2.02 3.01
CA PRO D 53 18.63 -1.44 3.14
C PRO D 53 19.56 -1.85 2.01
N ALA D 54 20.50 -0.95 1.71
CA ALA D 54 21.64 -1.25 0.86
C ALA D 54 22.92 -1.11 1.67
N ILE D 55 23.93 -1.90 1.32
CA ILE D 55 25.19 -1.93 2.05
C ILE D 55 26.29 -1.42 1.15
N GLY D 56 26.98 -0.38 1.60
CA GLY D 56 28.08 0.18 0.83
C GLY D 56 29.33 -0.69 0.89
N GLN D 57 30.32 -0.30 0.08
CA GLN D 57 31.58 -1.02 0.06
C GLN D 57 32.25 -1.02 1.43
N ASP D 58 32.12 0.07 2.18
CA ASP D 58 32.72 0.16 3.49
C ASP D 58 31.83 -0.40 4.59
N GLY D 59 30.69 -0.99 4.24
CA GLY D 59 29.78 -1.53 5.23
C GLY D 59 28.70 -0.60 5.73
N THR D 60 28.70 0.67 5.31
CA THR D 60 27.63 1.58 5.68
C THR D 60 26.29 1.01 5.20
N ILE D 61 25.27 1.12 6.05
CA ILE D 61 23.92 0.67 5.73
C ILE D 61 23.06 1.88 5.45
N TYR D 62 22.44 1.92 4.27
CA TYR D 62 21.57 3.02 3.87
C TYR D 62 20.14 2.51 3.80
N VAL D 63 19.20 3.28 4.34
CA VAL D 63 17.80 2.88 4.27
C VAL D 63 16.91 4.10 4.41
N GLY D 64 15.78 4.08 3.68
CA GLY D 64 14.80 5.13 3.83
C GLY D 64 13.83 4.86 4.96
N SER D 65 13.18 5.92 5.41
CA SER D 65 12.16 5.82 6.45
C SER D 65 10.92 6.60 6.06
N ASN D 66 9.78 6.16 6.57
CA ASN D 66 8.52 6.89 6.42
C ASN D 66 8.60 8.26 7.07
N ASP D 67 9.61 8.52 7.90
CA ASP D 67 9.79 9.84 8.51
C ASP D 67 10.44 10.86 7.56
N HIS D 68 10.63 10.50 6.28
CA HIS D 68 11.09 11.33 5.15
C HIS D 68 12.61 11.33 5.00
N TYR D 69 13.36 10.67 5.87
CA TYR D 69 14.82 10.71 5.80
C TYR D 69 15.38 9.48 5.11
N LEU D 70 16.50 9.70 4.40
CA LEU D 70 17.41 8.61 4.05
C LEU D 70 18.48 8.52 5.15
N TYR D 71 18.61 7.36 5.77
CA TYR D 71 19.57 7.15 6.86
C TYR D 71 20.83 6.47 6.34
N ALA D 72 21.99 6.91 6.85
CA ALA D 72 23.25 6.20 6.68
C ALA D 72 23.72 5.80 8.07
N ILE D 73 23.85 4.50 8.29
CA ILE D 73 24.14 3.95 9.60
C ILE D 73 25.45 3.18 9.51
N ASN D 74 26.36 3.42 10.45
CA ASN D 74 27.64 2.73 10.42
C ASN D 74 27.49 1.27 10.85
N PRO D 75 28.45 0.41 10.49
CA PRO D 75 28.39 -1.00 10.90
C PRO D 75 28.17 -1.24 12.38
N ASN D 76 28.56 -0.30 13.23
CA ASN D 76 28.38 -0.47 14.66
C ASN D 76 27.03 0.04 15.15
N GLY D 77 26.13 0.43 14.25
CA GLY D 77 24.78 0.80 14.64
C GLY D 77 24.58 2.24 14.99
N LYS D 78 25.62 3.07 14.87
CA LYS D 78 25.54 4.48 15.19
C LYS D 78 25.26 5.27 13.92
N LEU D 79 24.47 6.32 14.06
CA LEU D 79 24.14 7.17 12.92
C LEU D 79 25.40 7.76 12.30
N LYS D 80 25.52 7.67 10.99
CA LYS D 80 26.54 8.43 10.28
C LYS D 80 25.98 9.78 9.82
N TRP D 81 24.86 9.75 9.11
CA TRP D 81 24.11 10.97 8.80
C TRP D 81 22.70 10.57 8.38
N LYS D 82 21.81 11.56 8.36
CA LYS D 82 20.48 11.40 7.79
C LYS D 82 20.20 12.57 6.86
N PHE D 83 19.53 12.29 5.74
CA PHE D 83 19.25 13.30 4.73
C PHE D 83 17.74 13.44 4.61
N GLU D 84 17.23 14.65 4.81
CA GLU D 84 15.78 14.87 4.82
C GLU D 84 15.29 15.14 3.39
N THR D 85 14.38 14.29 2.92
CA THR D 85 13.64 14.59 1.69
C THR D 85 12.32 15.23 2.07
N GLY D 86 11.51 15.53 1.06
CA GLY D 86 10.23 16.13 1.34
C GLY D 86 9.10 15.17 1.64
N GLY D 87 9.35 13.86 1.65
CA GLY D 87 8.27 12.91 1.84
C GLY D 87 8.83 11.55 2.20
N SER D 88 7.92 10.60 2.45
CA SER D 88 8.32 9.26 2.86
C SER D 88 9.30 8.65 1.87
N VAL D 89 10.32 7.99 2.39
CA VAL D 89 11.33 7.32 1.55
C VAL D 89 11.05 5.82 1.64
N HIS D 90 10.17 5.34 0.77
CA HIS D 90 9.88 3.92 0.68
C HIS D 90 10.70 3.20 -0.37
N SER D 91 11.20 3.94 -1.36
CA SER D 91 12.17 3.44 -2.32
C SER D 91 13.41 2.91 -1.58
N SER D 92 14.03 1.88 -2.14
CA SER D 92 15.21 1.27 -1.56
C SER D 92 16.46 1.78 -2.26
N PRO D 93 17.47 2.24 -1.52
CA PRO D 93 18.61 2.91 -2.17
C PRO D 93 19.45 1.95 -3.00
N ALA D 94 20.11 2.53 -4.00
CA ALA D 94 21.13 1.85 -4.77
C ALA D 94 22.41 2.65 -4.67
N ILE D 95 23.56 1.98 -4.79
CA ILE D 95 24.85 2.62 -4.60
C ILE D 95 25.65 2.51 -5.90
N GLY D 96 26.10 3.66 -6.41
CA GLY D 96 26.89 3.68 -7.62
C GLY D 96 28.35 3.35 -7.37
N GLN D 97 29.11 3.23 -8.46
CA GLN D 97 30.50 2.81 -8.36
C GLN D 97 31.32 3.81 -7.55
N ASP D 98 31.03 5.10 -7.67
CA ASP D 98 31.76 6.12 -6.95
C ASP D 98 31.20 6.38 -5.56
N GLY D 99 30.24 5.58 -5.10
CA GLY D 99 29.69 5.72 -3.77
C GLY D 99 28.42 6.54 -3.68
N THR D 100 28.01 7.20 -4.76
CA THR D 100 26.75 7.95 -4.76
C THR D 100 25.60 7.05 -4.37
N ILE D 101 24.70 7.55 -3.53
CA ILE D 101 23.53 6.79 -3.09
C ILE D 101 22.30 7.37 -3.78
N TYR D 102 21.56 6.52 -4.48
CA TYR D 102 20.37 6.97 -5.19
C TYR D 102 19.14 6.40 -4.51
N VAL D 103 18.10 7.23 -4.36
CA VAL D 103 16.87 6.73 -3.78
C VAL D 103 15.71 7.62 -4.20
N GLY D 104 14.54 7.01 -4.38
CA GLY D 104 13.35 7.80 -4.65
C GLY D 104 12.65 8.24 -3.38
N SER D 105 11.79 9.25 -3.52
CA SER D 105 10.99 9.75 -2.42
C SER D 105 9.55 9.95 -2.86
N ASN D 106 8.64 9.83 -1.89
CA ASN D 106 7.24 10.16 -2.11
C ASN D 106 7.04 11.61 -2.54
N ASP D 107 8.06 12.47 -2.37
CA ASP D 107 7.97 13.87 -2.79
C ASP D 107 8.18 14.05 -4.30
N HIS D 108 8.28 12.96 -5.06
CA HIS D 108 8.33 12.87 -6.53
C HIS D 108 9.75 12.91 -7.07
N TYR D 109 10.77 13.05 -6.23
CA TYR D 109 12.15 13.19 -6.69
C TYR D 109 12.92 11.88 -6.61
N LEU D 110 13.82 11.69 -7.57
CA LEU D 110 14.94 10.76 -7.43
C LEU D 110 16.12 11.54 -6.89
N TYR D 111 16.66 11.10 -5.76
CA TYR D 111 17.77 11.77 -5.09
C TYR D 111 19.08 11.07 -5.38
N ALA D 112 20.13 11.85 -5.64
CA ALA D 112 21.51 11.35 -5.64
C ALA D 112 22.24 12.06 -4.52
N ILE D 113 22.70 11.29 -3.54
CA ILE D 113 23.32 11.84 -2.33
C ILE D 113 24.78 11.39 -2.29
N ASN D 114 25.68 12.33 -1.97
CA ASN D 114 27.09 11.97 -1.83
C ASN D 114 27.31 11.14 -0.57
N PRO D 115 28.40 10.36 -0.53
CA PRO D 115 28.67 9.56 0.69
C PRO D 115 28.77 10.38 1.96
N ASN D 116 29.05 11.68 1.88
CA ASN D 116 29.11 12.52 3.08
C ASN D 116 27.74 13.00 3.53
N GLY D 117 26.67 12.61 2.84
CA GLY D 117 25.34 13.00 3.24
C GLY D 117 24.86 14.30 2.68
N LYS D 118 25.60 14.90 1.76
CA LYS D 118 25.17 16.13 1.13
C LYS D 118 24.63 15.84 -0.26
N LEU D 119 23.63 16.63 -0.66
CA LEU D 119 22.98 16.46 -1.96
C LEU D 119 23.98 16.58 -3.11
N LYS D 120 23.90 15.64 -4.05
CA LYS D 120 24.53 15.82 -5.35
C LYS D 120 23.55 16.44 -6.33
N TRP D 121 22.42 15.78 -6.55
CA TRP D 121 21.33 16.38 -7.33
C TRP D 121 20.04 15.65 -6.99
N LYS D 122 18.93 16.27 -7.36
CA LYS D 122 17.68 15.53 -7.34
C LYS D 122 16.95 15.77 -8.65
N PHE D 123 16.24 14.76 -9.12
CA PHE D 123 15.54 14.84 -10.39
C PHE D 123 14.05 14.71 -10.15
N GLU D 124 13.28 15.70 -10.60
CA GLU D 124 11.84 15.72 -10.40
C GLU D 124 11.10 14.88 -11.44
N THR D 125 10.41 13.83 -10.97
CA THR D 125 9.44 13.15 -11.82
C THR D 125 8.04 13.73 -11.57
N GLY D 126 7.05 13.20 -12.27
CA GLY D 126 5.70 13.72 -12.09
C GLY D 126 4.93 13.13 -10.94
N GLY D 127 5.51 12.21 -10.18
CA GLY D 127 4.76 11.54 -9.12
C GLY D 127 5.71 10.83 -8.17
N SER D 128 5.12 10.20 -7.15
CA SER D 128 5.88 9.53 -6.11
C SER D 128 6.81 8.48 -6.70
N VAL D 129 8.04 8.43 -6.19
CA VAL D 129 9.04 7.47 -6.67
C VAL D 129 9.17 6.40 -5.59
N HIS D 130 8.34 5.36 -5.71
CA HIS D 130 8.40 4.23 -4.80
C HIS D 130 9.30 3.13 -5.33
N SER D 131 9.44 3.06 -6.66
CA SER D 131 10.36 2.16 -7.32
C SER D 131 11.78 2.39 -6.81
N SER D 132 12.56 1.30 -6.73
CA SER D 132 13.95 1.37 -6.25
C SER D 132 14.90 1.43 -7.44
N PRO D 133 15.85 2.35 -7.47
CA PRO D 133 16.65 2.54 -8.69
C PRO D 133 17.58 1.36 -8.95
N ALA D 134 17.92 1.20 -10.24
CA ALA D 134 18.96 0.27 -10.66
C ALA D 134 19.98 1.04 -11.49
N ILE D 135 21.24 0.61 -11.45
CA ILE D 135 22.32 1.33 -12.10
C ILE D 135 22.93 0.46 -13.20
N GLY D 136 22.99 1.02 -14.41
CA GLY D 136 23.56 0.31 -15.53
C GLY D 136 25.08 0.39 -15.57
N GLN D 137 25.65 -0.37 -16.51
CA GLN D 137 27.11 -0.44 -16.62
C GLN D 137 27.74 0.93 -16.86
N ASP D 138 27.08 1.79 -17.65
CA ASP D 138 27.62 3.11 -17.94
C ASP D 138 27.19 4.15 -16.92
N GLY D 139 26.59 3.73 -15.80
CA GLY D 139 26.20 4.64 -14.75
C GLY D 139 24.78 5.19 -14.87
N THR D 140 24.07 4.91 -15.95
CA THR D 140 22.68 5.34 -16.07
C THR D 140 21.88 4.81 -14.89
N ILE D 141 21.00 5.64 -14.34
CA ILE D 141 20.15 5.25 -13.22
C ILE D 141 18.73 5.11 -13.74
N TYR D 142 18.13 3.94 -13.52
CA TYR D 142 16.78 3.65 -13.98
C TYR D 142 15.87 3.56 -12.76
N VAL D 143 14.69 4.17 -12.85
CA VAL D 143 13.74 4.07 -11.74
C VAL D 143 12.34 4.32 -12.29
N GLY D 144 11.35 3.64 -11.72
CA GLY D 144 9.98 3.90 -12.09
C GLY D 144 9.36 5.00 -11.23
N SER D 145 8.25 5.57 -11.72
CA SER D 145 7.55 6.61 -10.99
C SER D 145 6.06 6.33 -11.03
N ASN D 146 5.37 6.84 -10.01
CA ASN D 146 3.91 6.78 -9.95
C ASN D 146 3.27 7.50 -11.13
N ASP D 147 4.03 8.33 -11.85
CA ASP D 147 3.50 9.07 -13.00
C ASP D 147 3.43 8.22 -14.27
N HIS D 148 3.72 6.92 -14.17
CA HIS D 148 3.59 5.85 -15.18
C HIS D 148 4.86 5.65 -16.01
N TYR D 149 5.90 6.43 -15.79
CA TYR D 149 7.09 6.32 -16.62
C TYR D 149 8.18 5.51 -15.93
N LEU D 150 8.95 4.79 -16.74
CA LEU D 150 10.28 4.33 -16.35
C LEU D 150 11.28 5.40 -16.79
N TYR D 151 12.07 5.91 -15.85
CA TYR D 151 13.05 6.96 -16.13
C TYR D 151 14.45 6.39 -16.28
N ALA D 152 15.19 6.94 -17.23
CA ALA D 152 16.62 6.71 -17.38
C ALA D 152 17.30 8.06 -17.19
N ILE D 153 18.07 8.18 -16.10
CA ILE D 153 18.73 9.43 -15.72
C ILE D 153 20.23 9.26 -15.88
N ASN D 154 20.86 10.24 -16.52
CA ASN D 154 22.31 10.23 -16.63
C ASN D 154 22.96 10.49 -15.26
N PRO D 155 24.21 10.07 -15.09
CA PRO D 155 24.88 10.29 -13.78
C PRO D 155 24.97 11.75 -13.38
N ASN D 156 24.86 12.68 -14.33
CA ASN D 156 24.88 14.10 -14.01
C ASN D 156 23.51 14.63 -13.61
N GLY D 157 22.51 13.76 -13.49
CA GLY D 157 21.19 14.18 -13.06
C GLY D 157 20.28 14.71 -14.14
N LYS D 158 20.68 14.65 -15.40
CA LYS D 158 19.81 15.09 -16.48
C LYS D 158 19.15 13.90 -17.14
N LEU D 159 17.93 14.12 -17.63
CA LEU D 159 17.16 13.05 -18.25
C LEU D 159 17.90 12.47 -19.46
N LYS D 160 17.97 11.15 -19.51
CA LYS D 160 18.37 10.46 -20.73
C LYS D 160 17.15 10.13 -21.58
N TRP D 161 16.16 9.46 -20.98
CA TRP D 161 14.87 9.24 -21.63
C TRP D 161 13.86 8.78 -20.58
N LYS D 162 12.59 8.85 -20.95
CA LYS D 162 11.51 8.33 -20.12
C LYS D 162 10.59 7.49 -20.99
N PHE D 163 10.25 6.30 -20.51
CA PHE D 163 9.43 5.37 -21.27
C PHE D 163 8.05 5.34 -20.65
N GLU D 164 7.06 5.77 -21.43
CA GLU D 164 5.70 5.59 -21.06
C GLU D 164 5.51 4.17 -21.63
#